data_4NWU
#
_entry.id   4NWU
#
_cell.length_a   127.053
_cell.length_b   66.256
_cell.length_c   63.884
_cell.angle_alpha   90.00
_cell.angle_beta   108.54
_cell.angle_gamma   90.00
#
_symmetry.space_group_name_H-M   'C 1 2 1'
#
loop_
_entity.id
_entity.type
_entity.pdbx_description
1 polymer 'APE1551 Ab Fab heavy chain'
2 polymer 'APE1551 Ab Fab light chain'
3 water water
#
loop_
_entity_poly.entity_id
_entity_poly.type
_entity_poly.pdbx_seq_one_letter_code
_entity_poly.pdbx_strand_id
1 'polypeptide(L)'
;QVQLVQSGAEVKKPGSSVKVSCKASGDTFSNYATGDTFSNYAISWVRQAPGQGFEWMGGIIPIFGTANYAQKFQGRVTIT
ADESTSTAYMELSSLRSEDTAVYYCARGPEYYDYVWGSYRYNYFDYWGQGTLVTVSSGSASAPTLFPLAPSSKSTSGGTA
ALGCLVKDYFPEPVTVSWNSGALTSGVHTFPAVLQSSGLYSLSSVVTVPSSSLGTQTYICNVNHKPSNTKVDKKVEPKSC
DK
;
H
2 'polypeptide(L)'
;DIVMTQSPDSLAVSLGERATINCKSSQSVLYSSNNKNYLTWYQQKPGQPPKLLIYWASTRESGVPDRFSGSGSGTDFTLT
ISSLQAEDVAVYYCQQYDNYPITFGQGTRLEIKRTVAAPSVFIFPPSDEQLKSGTASVVCLLNNFYPREAKVQWKVDNAL
QSGNSQESVTEQDSKDSTYSLSSTLTLSKADYEKHKVYACEVTHQGLSSPVTKSFNRGEC
;
L
#
# COMPACT_ATOMS: atom_id res chain seq x y z
N VAL A 2 -13.30 -3.58 18.89
CA VAL A 2 -13.60 -2.33 18.13
C VAL A 2 -13.24 -2.51 16.68
N GLN A 3 -14.22 -2.34 15.80
CA GLN A 3 -14.02 -2.53 14.36
C GLN A 3 -14.75 -1.48 13.50
N LEU A 4 -14.03 -0.88 12.56
CA LEU A 4 -14.59 0.18 11.71
C LEU A 4 -14.55 -0.28 10.28
N VAL A 5 -15.70 -0.50 9.66
CA VAL A 5 -15.78 -1.09 8.31
C VAL A 5 -16.34 -0.04 7.33
N GLN A 6 -15.58 0.29 6.29
CA GLN A 6 -16.00 1.35 5.33
C GLN A 6 -16.62 0.77 4.05
N SER A 7 -17.28 1.62 3.29
CA SER A 7 -17.87 1.28 2.02
C SER A 7 -16.73 1.07 1.02
N GLY A 8 -17.05 0.54 -0.14
CA GLY A 8 -16.04 0.15 -1.08
C GLY A 8 -15.55 1.28 -1.97
N ALA A 9 -14.45 0.99 -2.62
CA ALA A 9 -13.83 1.89 -3.57
C ALA A 9 -14.74 2.31 -4.73
N GLU A 10 -14.62 3.55 -5.20
CA GLU A 10 -15.44 4.05 -6.34
C GLU A 10 -14.67 5.01 -7.25
N VAL A 11 -15.08 5.05 -8.51
CA VAL A 11 -14.67 6.14 -9.42
C VAL A 11 -15.86 7.10 -9.51
N LYS A 12 -15.51 8.38 -9.48
CA LYS A 12 -16.46 9.47 -9.55
C LYS A 12 -16.04 10.50 -10.56
N LYS A 13 -17.02 11.07 -11.23
CA LYS A 13 -16.74 12.10 -12.21
C LYS A 13 -16.45 13.43 -11.52
N PRO A 14 -15.58 14.28 -12.12
CA PRO A 14 -15.37 15.64 -11.63
C PRO A 14 -16.69 16.37 -11.55
N GLY A 15 -16.88 17.06 -10.45
CA GLY A 15 -18.11 17.79 -10.15
C GLY A 15 -19.20 17.01 -9.39
N SER A 16 -19.04 15.70 -9.25
CA SER A 16 -20.05 14.86 -8.61
C SER A 16 -19.83 14.89 -7.11
N SER A 17 -20.61 14.10 -6.35
CA SER A 17 -20.41 13.97 -4.92
CA SER A 17 -20.44 13.98 -4.91
C SER A 17 -20.24 12.50 -4.53
N VAL A 18 -19.55 12.27 -3.44
CA VAL A 18 -19.41 10.91 -2.94
C VAL A 18 -19.80 10.88 -1.48
N LYS A 19 -20.39 9.77 -1.05
CA LYS A 19 -20.68 9.59 0.37
C LYS A 19 -20.09 8.30 0.84
N VAL A 20 -19.17 8.39 1.79
CA VAL A 20 -18.46 7.23 2.29
C VAL A 20 -19.00 6.90 3.69
N SER A 21 -19.15 5.62 3.97
CA SER A 21 -19.69 5.18 5.25
C SER A 21 -18.63 4.46 6.07
N CYS A 22 -18.84 4.46 7.37
CA CYS A 22 -17.94 3.86 8.32
C CYS A 22 -18.80 3.29 9.46
N LYS A 23 -18.90 1.97 9.59
CA LYS A 23 -19.79 1.40 10.59
C LYS A 23 -18.95 0.80 11.69
N ALA A 24 -19.30 1.13 12.93
CA ALA A 24 -18.53 0.69 14.07
C ALA A 24 -19.28 -0.48 14.69
N SER A 25 -18.54 -1.54 15.03
CA SER A 25 -19.10 -2.71 15.73
C SER A 25 -18.16 -3.22 16.83
N GLY A 26 -18.72 -4.00 17.79
CA GLY A 26 -18.09 -4.28 19.08
C GLY A 26 -17.19 -5.51 19.05
N GLY A 35 -23.75 1.66 21.59
CA GLY A 35 -22.31 1.43 21.41
C GLY A 35 -21.46 2.37 22.26
N ASP A 36 -20.33 1.88 22.78
CA ASP A 36 -19.37 2.73 23.48
C ASP A 36 -18.94 3.85 22.52
N THR A 37 -18.61 3.47 21.28
CA THR A 37 -18.05 4.37 20.25
C THR A 37 -18.96 5.60 20.01
N PHE A 38 -20.20 5.34 19.64
CA PHE A 38 -21.10 6.44 19.31
C PHE A 38 -21.55 7.21 20.56
N SER A 39 -21.49 6.54 21.71
CA SER A 39 -21.81 7.21 22.98
C SER A 39 -20.68 8.04 23.65
N ASN A 40 -19.42 7.66 23.47
CA ASN A 40 -18.35 8.26 24.26
C ASN A 40 -17.15 8.73 23.47
N TYR A 41 -17.21 8.63 22.15
CA TYR A 41 -16.02 8.94 21.29
C TYR A 41 -16.35 9.86 20.15
N ALA A 42 -15.27 10.31 19.55
CA ALA A 42 -15.32 11.14 18.32
C ALA A 42 -14.94 10.32 17.11
N ILE A 43 -15.48 10.67 15.96
CA ILE A 43 -15.16 9.99 14.73
C ILE A 43 -14.68 11.04 13.79
N SER A 44 -13.50 10.81 13.22
CA SER A 44 -12.90 11.79 12.26
C SER A 44 -12.72 11.12 10.91
N TRP A 45 -12.61 11.96 9.90
CA TRP A 45 -12.24 11.53 8.53
C TRP A 45 -10.91 12.19 8.16
N VAL A 46 -10.01 11.34 7.63
CA VAL A 46 -8.66 11.80 7.22
C VAL A 46 -8.44 11.15 5.85
N ARG A 47 -7.83 11.87 4.92
CA ARG A 47 -7.52 11.25 3.68
C ARG A 47 -6.03 11.23 3.41
N GLN A 48 -5.67 10.34 2.49
CA GLN A 48 -4.29 10.07 2.10
C GLN A 48 -4.28 9.92 0.57
N ALA A 49 -3.82 10.91 -0.15
N ALA A 49 -3.84 11.02 -0.08
CA ALA A 49 -3.55 10.71 -1.58
CA ALA A 49 -3.78 11.33 -1.56
C ALA A 49 -2.50 9.62 -1.77
C ALA A 49 -2.37 11.35 -2.17
N PRO A 50 -2.68 8.81 -2.82
N PRO A 50 -2.22 10.89 -3.44
CA PRO A 50 -1.69 7.83 -3.21
CA PRO A 50 -0.89 10.75 -4.08
C PRO A 50 -0.28 8.37 -3.13
C PRO A 50 -0.03 12.01 -4.07
N GLY A 51 0.54 7.71 -2.33
N GLY A 51 1.19 11.86 -3.53
CA GLY A 51 1.95 8.00 -2.29
CA GLY A 51 2.19 12.94 -3.41
C GLY A 51 2.23 9.17 -1.40
C GLY A 51 2.06 13.88 -2.19
N GLN A 52 1.22 9.64 -0.68
N GLN A 52 1.00 13.72 -1.42
CA GLN A 52 1.47 10.76 0.18
CA GLN A 52 0.67 14.63 -0.34
C GLN A 52 0.95 10.70 1.62
C GLN A 52 0.64 13.75 0.93
N GLY A 53 1.00 11.84 2.27
N GLY A 53 0.71 14.32 2.14
CA GLY A 53 0.68 11.91 3.64
CA GLY A 53 0.63 13.49 3.36
C GLY A 53 -0.80 12.14 3.89
C GLY A 53 -0.82 13.30 3.82
N PHE A 54 -1.09 12.74 5.03
CA PHE A 54 -2.46 12.72 5.53
C PHE A 54 -2.99 14.13 5.73
N GLU A 55 -4.29 14.28 5.47
CA GLU A 55 -4.99 15.56 5.63
C GLU A 55 -6.24 15.28 6.41
N TRP A 56 -6.47 15.94 7.53
CA TRP A 56 -7.69 15.80 8.30
C TRP A 56 -8.81 16.58 7.59
N MET A 57 -9.97 16.00 7.40
N MET A 57 -9.94 15.91 7.39
CA MET A 57 -11.06 16.77 6.80
CA MET A 57 -11.14 16.47 6.71
C MET A 57 -11.97 17.35 7.82
C MET A 57 -12.06 17.19 7.70
N GLY A 58 -12.20 16.58 8.88
CA GLY A 58 -13.12 17.02 9.91
C GLY A 58 -13.43 15.86 10.87
N GLY A 59 -14.34 16.14 11.80
CA GLY A 59 -14.75 15.13 12.75
C GLY A 59 -16.09 15.46 13.38
N ILE A 60 -16.68 14.52 14.07
CA ILE A 60 -17.93 14.74 14.69
C ILE A 60 -17.93 13.99 16.00
N ILE A 61 -18.67 14.53 16.95
CA ILE A 61 -18.92 13.86 18.17
C ILE A 61 -20.37 13.40 18.15
N PRO A 62 -20.59 12.12 17.87
CA PRO A 62 -21.95 11.66 17.58
C PRO A 62 -23.04 12.00 18.60
N ILE A 63 -22.73 11.94 19.90
CA ILE A 63 -23.74 12.20 20.89
C ILE A 63 -24.18 13.67 20.94
N PHE A 64 -23.36 14.58 20.41
CA PHE A 64 -23.73 15.99 20.35
C PHE A 64 -24.21 16.41 18.94
N GLY A 65 -23.81 15.67 17.90
CA GLY A 65 -24.15 16.07 16.51
C GLY A 65 -23.30 17.21 15.94
N THR A 66 -22.34 17.70 16.69
CA THR A 66 -21.55 18.86 16.29
C THR A 66 -20.32 18.41 15.54
N ALA A 67 -19.95 19.12 14.48
CA ALA A 67 -18.90 18.64 13.58
C ALA A 67 -18.07 19.82 13.25
N ASN A 68 -16.76 19.62 13.14
CA ASN A 68 -15.81 20.62 12.70
C ASN A 68 -15.20 20.12 11.40
N TYR A 69 -14.78 21.08 10.57
CA TYR A 69 -14.16 20.78 9.31
C TYR A 69 -12.91 21.66 9.09
N ALA A 70 -11.92 21.10 8.38
CA ALA A 70 -10.74 21.87 7.85
C ALA A 70 -11.30 22.97 6.98
N GLN A 71 -10.72 24.17 7.05
CA GLN A 71 -11.08 25.28 6.18
CA GLN A 71 -11.14 25.26 6.20
C GLN A 71 -11.12 24.91 4.74
N LYS A 72 -10.15 24.12 4.28
CA LYS A 72 -10.08 23.85 2.87
C LYS A 72 -11.24 23.03 2.34
N PHE A 73 -11.99 22.38 3.25
CA PHE A 73 -13.20 21.60 2.87
C PHE A 73 -14.53 22.23 3.27
N GLN A 74 -14.50 23.26 4.11
N GLN A 74 -14.48 23.24 4.12
CA GLN A 74 -15.72 23.88 4.66
CA GLN A 74 -15.70 23.88 4.62
C GLN A 74 -16.56 24.42 3.54
C GLN A 74 -16.53 24.32 3.46
N GLY A 75 -17.81 23.97 3.50
CA GLY A 75 -18.71 24.29 2.38
C GLY A 75 -18.95 23.17 1.39
N ARG A 76 -18.06 22.20 1.38
CA ARG A 76 -18.03 21.18 0.40
C ARG A 76 -18.15 19.79 1.04
N VAL A 77 -18.02 19.71 2.37
CA VAL A 77 -17.99 18.43 3.10
C VAL A 77 -19.05 18.45 4.19
N THR A 78 -19.73 17.31 4.40
CA THR A 78 -20.65 17.15 5.52
C THR A 78 -20.36 15.83 6.20
N ILE A 79 -20.15 15.85 7.50
CA ILE A 79 -19.95 14.64 8.25
C ILE A 79 -21.18 14.42 9.17
N THR A 80 -21.78 13.23 9.11
CA THR A 80 -22.93 12.92 9.95
C THR A 80 -22.71 11.59 10.65
N ALA A 81 -23.60 11.30 11.60
CA ALA A 81 -23.45 10.09 12.32
C ALA A 81 -24.81 9.62 12.80
N ASP A 82 -25.10 8.34 12.54
CA ASP A 82 -26.39 7.74 12.81
C ASP A 82 -26.22 6.75 13.96
N GLU A 83 -26.66 7.19 15.13
CA GLU A 83 -26.43 6.45 16.38
CA GLU A 83 -26.49 6.50 16.40
C GLU A 83 -27.18 5.14 16.40
N SER A 84 -28.33 5.06 15.71
CA SER A 84 -29.09 3.81 15.67
C SER A 84 -28.46 2.73 14.79
N THR A 85 -27.55 3.10 13.89
CA THR A 85 -26.87 2.10 13.05
C THR A 85 -25.36 2.08 13.26
N SER A 86 -24.93 2.78 14.33
CA SER A 86 -23.53 3.06 14.61
C SER A 86 -22.71 3.25 13.33
N THR A 87 -23.20 4.12 12.43
CA THR A 87 -22.56 4.38 11.13
C THR A 87 -22.30 5.88 11.01
N ALA A 88 -21.10 6.26 10.60
CA ALA A 88 -20.77 7.67 10.36
C ALA A 88 -20.57 7.78 8.88
N TYR A 89 -20.70 9.01 8.33
CA TYR A 89 -20.65 9.22 6.89
C TYR A 89 -19.86 10.51 6.61
N MET A 90 -19.18 10.55 5.46
N MET A 90 -19.16 10.52 5.48
CA MET A 90 -18.54 11.76 5.02
CA MET A 90 -18.51 11.70 4.96
C MET A 90 -18.97 11.94 3.58
C MET A 90 -19.07 11.88 3.56
N GLU A 91 -19.68 13.02 3.29
CA GLU A 91 -20.09 13.35 1.93
C GLU A 91 -19.25 14.50 1.43
N LEU A 92 -18.59 14.32 0.30
CA LEU A 92 -17.76 15.33 -0.24
C LEU A 92 -18.28 15.68 -1.65
N SER A 93 -18.58 16.95 -1.87
CA SER A 93 -19.20 17.38 -3.10
C SER A 93 -18.26 18.21 -4.00
N SER A 94 -18.72 18.54 -5.19
CA SER A 94 -17.90 19.25 -6.21
C SER A 94 -16.51 18.64 -6.37
N LEU A 95 -16.51 17.31 -6.59
CA LEU A 95 -15.25 16.58 -6.61
C LEU A 95 -14.32 17.08 -7.72
N ARG A 96 -13.05 17.07 -7.39
CA ARG A 96 -11.97 17.58 -8.21
CA ARG A 96 -12.03 17.51 -8.31
C ARG A 96 -10.93 16.45 -8.28
N SER A 97 -10.08 16.46 -9.31
CA SER A 97 -9.00 15.45 -9.42
C SER A 97 -8.18 15.24 -8.17
N GLU A 98 -7.91 16.35 -7.49
CA GLU A 98 -7.08 16.42 -6.31
C GLU A 98 -7.76 15.76 -5.08
N ASP A 99 -9.04 15.39 -5.21
CA ASP A 99 -9.74 14.66 -4.18
C ASP A 99 -9.53 13.15 -4.28
N THR A 100 -8.84 12.69 -5.30
CA THR A 100 -8.46 11.28 -5.35
C THR A 100 -7.57 10.90 -4.17
N ALA A 101 -8.02 9.96 -3.35
CA ALA A 101 -7.33 9.60 -2.10
C ALA A 101 -7.98 8.40 -1.50
N VAL A 102 -7.30 7.80 -0.55
CA VAL A 102 -7.89 6.81 0.36
C VAL A 102 -8.46 7.65 1.57
N TYR A 103 -9.73 7.53 1.76
CA TYR A 103 -10.46 8.21 2.86
C TYR A 103 -10.59 7.24 4.01
N TYR A 104 -10.11 7.63 5.19
CA TYR A 104 -10.18 6.83 6.39
C TYR A 104 -11.12 7.46 7.40
N CYS A 105 -11.93 6.65 8.02
CA CYS A 105 -12.55 7.09 9.26
C CYS A 105 -11.65 6.64 10.39
N ALA A 106 -11.68 7.40 11.47
CA ALA A 106 -10.87 7.07 12.61
C ALA A 106 -11.63 7.47 13.85
N ARG A 107 -11.59 6.63 14.86
CA ARG A 107 -12.15 6.96 16.14
C ARG A 107 -11.10 7.46 17.08
N GLY A 108 -11.47 8.34 18.00
CA GLY A 108 -10.61 8.64 19.09
C GLY A 108 -11.42 9.17 20.26
N PRO A 109 -10.79 9.22 21.41
CA PRO A 109 -11.41 9.80 22.60
C PRO A 109 -11.51 11.32 22.45
N GLU A 110 -12.15 11.94 23.41
CA GLU A 110 -12.28 13.39 23.48
C GLU A 110 -11.70 13.85 24.79
N TYR A 111 -11.23 15.08 24.77
CA TYR A 111 -10.92 15.80 26.00
C TYR A 111 -11.73 17.05 26.15
N TYR A 112 -11.92 17.50 27.42
CA TYR A 112 -12.64 18.70 27.61
C TYR A 112 -11.73 19.93 27.64
N ASP A 113 -12.06 20.99 26.95
CA ASP A 113 -11.23 22.19 26.97
C ASP A 113 -11.91 23.16 27.89
N TYR A 114 -11.32 23.30 29.09
CA TYR A 114 -11.79 24.20 30.11
C TYR A 114 -11.78 25.74 29.63
N VAL A 115 -10.99 26.20 28.61
CA VAL A 115 -11.16 27.60 28.02
C VAL A 115 -12.23 27.83 26.94
N TRP A 116 -12.37 26.86 26.03
CA TRP A 116 -13.42 26.83 25.03
C TRP A 116 -14.72 26.49 25.61
N GLY A 117 -14.71 25.74 26.71
CA GLY A 117 -15.92 25.25 27.27
C GLY A 117 -16.50 24.20 26.35
N SER A 118 -15.67 23.29 25.93
CA SER A 118 -16.07 22.31 24.95
C SER A 118 -15.26 21.05 24.89
N TYR A 119 -15.90 19.98 24.45
CA TYR A 119 -15.17 18.72 24.14
C TYR A 119 -14.46 18.91 22.80
N ARG A 120 -13.26 18.37 22.70
CA ARG A 120 -12.38 18.48 21.48
C ARG A 120 -11.82 17.15 21.09
N TYR A 121 -11.37 17.04 19.84
CA TYR A 121 -10.81 15.82 19.28
C TYR A 121 -9.41 15.66 19.73
N ASN A 122 -9.07 14.46 20.11
CA ASN A 122 -7.66 14.22 20.09
C ASN A 122 -7.29 13.04 19.31
N TYR A 123 -6.17 12.43 19.69
CA TYR A 123 -5.56 11.38 18.94
C TYR A 123 -6.60 10.37 18.51
N PHE A 124 -6.29 9.62 17.48
CA PHE A 124 -7.13 8.58 16.91
C PHE A 124 -6.59 7.24 17.39
N ASP A 125 -7.46 6.38 17.94
CA ASP A 125 -6.99 5.14 18.46
C ASP A 125 -7.31 3.92 17.60
N TYR A 126 -8.31 4.05 16.75
CA TYR A 126 -8.69 3.01 15.79
C TYR A 126 -8.95 3.63 14.43
N TRP A 127 -8.40 3.05 13.37
CA TRP A 127 -8.70 3.55 12.01
C TRP A 127 -9.42 2.46 11.23
N GLY A 128 -10.31 2.86 10.33
CA GLY A 128 -10.97 1.94 9.45
C GLY A 128 -10.00 1.59 8.32
N GLN A 129 -10.44 0.71 7.44
CA GLN A 129 -9.52 0.11 6.47
C GLN A 129 -9.27 1.03 5.28
N GLY A 130 -10.09 2.06 5.14
CA GLY A 130 -9.88 3.04 4.10
C GLY A 130 -10.77 2.76 2.90
N THR A 131 -11.12 3.82 2.16
CA THR A 131 -11.96 3.72 0.95
C THR A 131 -11.27 4.54 -0.16
N LEU A 132 -10.78 3.90 -1.23
CA LEU A 132 -10.12 4.65 -2.27
C LEU A 132 -11.17 5.25 -3.22
N VAL A 133 -11.26 6.57 -3.25
CA VAL A 133 -12.18 7.25 -4.13
C VAL A 133 -11.32 7.89 -5.24
N THR A 134 -11.58 7.51 -6.48
CA THR A 134 -10.83 8.08 -7.62
C THR A 134 -11.73 9.06 -8.37
N VAL A 135 -11.26 10.26 -8.59
CA VAL A 135 -12.05 11.28 -9.30
C VAL A 135 -11.43 11.36 -10.71
N SER A 136 -12.20 10.96 -11.71
CA SER A 136 -11.74 10.80 -13.06
C SER A 136 -12.92 10.89 -14.03
N SER A 137 -12.61 11.37 -15.23
CA SER A 137 -13.60 11.34 -16.27
C SER A 137 -13.54 9.96 -16.97
N GLY A 138 -12.52 9.16 -16.68
CA GLY A 138 -12.48 7.80 -17.23
C GLY A 138 -13.48 6.83 -16.56
N SER A 139 -14.03 5.94 -17.34
CA SER A 139 -14.96 4.93 -16.85
C SER A 139 -14.24 3.74 -16.21
N ALA A 140 -14.87 3.08 -15.25
CA ALA A 140 -14.30 1.91 -14.72
C ALA A 140 -14.27 0.80 -15.73
N SER A 141 -13.28 -0.06 -15.60
CA SER A 141 -13.03 -1.22 -16.51
CA SER A 141 -13.25 -1.24 -16.43
C SER A 141 -12.51 -2.39 -15.68
N ALA A 142 -13.01 -3.58 -15.94
CA ALA A 142 -12.60 -4.79 -15.21
C ALA A 142 -11.25 -5.32 -15.70
N PRO A 143 -10.54 -6.03 -14.87
CA PRO A 143 -9.30 -6.67 -15.30
C PRO A 143 -9.59 -7.93 -16.07
N THR A 144 -8.66 -8.27 -16.97
CA THR A 144 -8.54 -9.55 -17.61
C THR A 144 -7.37 -10.29 -16.92
N LEU A 145 -7.57 -11.57 -16.59
CA LEU A 145 -6.55 -12.37 -15.89
C LEU A 145 -5.88 -13.32 -16.83
N PHE A 146 -4.55 -13.23 -16.91
CA PHE A 146 -3.80 -14.15 -17.71
C PHE A 146 -2.87 -14.99 -16.81
N PRO A 147 -2.75 -16.28 -17.13
CA PRO A 147 -1.84 -17.05 -16.31
C PRO A 147 -0.37 -16.78 -16.47
N LEU A 148 0.40 -16.90 -15.42
CA LEU A 148 1.86 -17.03 -15.44
C LEU A 148 2.13 -18.51 -14.98
N ALA A 149 2.04 -19.36 -15.98
CA ALA A 149 2.09 -20.78 -15.82
C ALA A 149 3.47 -21.26 -15.31
N PRO A 150 3.48 -22.19 -14.35
CA PRO A 150 4.77 -22.71 -13.88
C PRO A 150 5.32 -23.65 -14.93
N SER A 151 6.62 -23.62 -15.10
CA SER A 151 7.28 -24.43 -16.07
C SER A 151 8.74 -24.69 -15.69
N SER A 152 9.45 -25.36 -16.56
CA SER A 152 10.85 -25.55 -16.37
C SER A 152 11.59 -24.25 -16.18
N LYS A 153 11.04 -23.16 -16.71
CA LYS A 153 11.71 -21.83 -16.63
C LYS A 153 11.33 -21.01 -15.43
N SER A 154 10.48 -21.58 -14.59
CA SER A 154 10.08 -20.95 -13.30
C SER A 154 10.25 -21.86 -12.12
N THR A 155 11.10 -22.86 -12.25
CA THR A 155 11.35 -23.83 -11.14
CA THR A 155 11.30 -23.81 -11.15
C THR A 155 12.80 -23.82 -10.76
N SER A 156 13.11 -24.01 -9.49
CA SER A 156 14.48 -24.18 -9.02
C SER A 156 14.51 -25.03 -7.76
N GLY A 157 15.39 -26.02 -7.73
CA GLY A 157 15.47 -26.91 -6.62
C GLY A 157 14.09 -27.55 -6.55
N GLY A 158 13.47 -27.50 -5.39
CA GLY A 158 12.16 -28.10 -5.22
C GLY A 158 11.04 -27.07 -5.19
N THR A 159 11.29 -25.87 -5.74
CA THR A 159 10.35 -24.77 -5.70
C THR A 159 9.91 -24.35 -7.08
N ALA A 160 8.62 -24.05 -7.23
CA ALA A 160 8.11 -23.46 -8.47
C ALA A 160 7.43 -22.15 -8.24
N ALA A 161 7.57 -21.23 -9.19
CA ALA A 161 6.84 -19.97 -9.19
C ALA A 161 5.73 -20.00 -10.25
N LEU A 162 4.61 -19.45 -9.89
CA LEU A 162 3.48 -19.28 -10.76
C LEU A 162 2.80 -18.00 -10.36
N GLY A 163 1.86 -17.59 -11.19
CA GLY A 163 1.23 -16.28 -10.96
C GLY A 163 0.06 -15.96 -11.89
N CYS A 164 -0.34 -14.71 -11.75
N CYS A 164 -0.48 -14.77 -11.73
CA CYS A 164 -1.55 -14.15 -12.31
CA CYS A 164 -1.46 -14.24 -12.67
C CYS A 164 -1.11 -12.75 -12.88
C CYS A 164 -1.16 -12.78 -12.93
N LEU A 165 -1.27 -12.48 -14.19
CA LEU A 165 -1.17 -11.15 -14.70
C LEU A 165 -2.54 -10.53 -14.73
N VAL A 166 -2.69 -9.45 -13.99
CA VAL A 166 -3.99 -8.79 -13.77
C VAL A 166 -3.94 -7.52 -14.63
N LYS A 167 -4.58 -7.63 -15.78
CA LYS A 167 -4.30 -6.64 -16.82
C LYS A 167 -5.50 -5.75 -17.15
N ASP A 168 -5.17 -4.48 -17.41
CA ASP A 168 -6.02 -3.50 -18.09
C ASP A 168 -7.30 -3.19 -17.34
N TYR A 169 -7.18 -2.79 -16.09
CA TYR A 169 -8.30 -2.32 -15.29
C TYR A 169 -8.23 -0.87 -14.94
N PHE A 170 -9.35 -0.31 -14.51
CA PHE A 170 -9.36 1.08 -14.05
C PHE A 170 -10.57 1.34 -13.19
N PRO A 171 -10.44 2.16 -12.17
CA PRO A 171 -9.24 2.70 -11.53
C PRO A 171 -8.74 1.64 -10.53
N GLU A 172 -7.75 1.98 -9.70
CA GLU A 172 -7.39 1.15 -8.55
C GLU A 172 -8.59 1.11 -7.61
N PRO A 173 -8.66 0.15 -6.67
CA PRO A 173 -7.77 -0.92 -6.42
C PRO A 173 -8.35 -2.23 -6.92
N VAL A 174 -7.47 -3.22 -6.94
CA VAL A 174 -7.92 -4.61 -6.99
C VAL A 174 -7.49 -5.31 -5.73
N THR A 175 -8.23 -6.34 -5.35
CA THR A 175 -7.75 -7.26 -4.29
CA THR A 175 -7.80 -7.25 -4.28
C THR A 175 -7.44 -8.58 -5.00
N VAL A 176 -6.28 -9.16 -4.73
CA VAL A 176 -5.88 -10.42 -5.34
C VAL A 176 -5.70 -11.40 -4.15
N SER A 177 -6.27 -12.58 -4.31
CA SER A 177 -6.14 -13.66 -3.31
C SER A 177 -5.78 -14.87 -4.12
N TRP A 178 -5.27 -15.88 -3.42
CA TRP A 178 -4.99 -17.18 -4.06
C TRP A 178 -5.76 -18.27 -3.37
N ASN A 179 -6.46 -19.15 -4.09
CA ASN A 179 -7.29 -20.21 -3.47
C ASN A 179 -8.26 -19.70 -2.40
N SER A 180 -8.93 -18.61 -2.73
CA SER A 180 -9.93 -18.01 -1.82
C SER A 180 -9.37 -17.57 -0.48
N GLY A 181 -8.08 -17.25 -0.45
CA GLY A 181 -7.34 -16.86 0.73
C GLY A 181 -6.69 -17.96 1.56
N ALA A 182 -6.80 -19.20 1.11
CA ALA A 182 -6.12 -20.33 1.72
C ALA A 182 -4.63 -20.37 1.48
N LEU A 183 -4.16 -19.70 0.40
CA LEU A 183 -2.78 -19.68 0.10
C LEU A 183 -2.26 -18.28 0.26
N THR A 184 -1.40 -18.07 1.27
CA THR A 184 -0.88 -16.77 1.57
C THR A 184 0.63 -16.81 1.65
N SER A 185 1.20 -17.92 2.04
N SER A 185 1.20 -17.92 2.06
CA SER A 185 2.67 -18.00 2.14
CA SER A 185 2.67 -18.04 2.13
C SER A 185 3.38 -17.94 0.79
C SER A 185 3.29 -17.84 0.75
N GLY A 186 4.35 -17.06 0.68
CA GLY A 186 5.12 -16.91 -0.56
C GLY A 186 4.48 -16.06 -1.62
N VAL A 187 3.34 -15.43 -1.33
CA VAL A 187 2.69 -14.58 -2.27
C VAL A 187 3.33 -13.20 -2.32
N HIS A 188 3.57 -12.71 -3.53
CA HIS A 188 3.92 -11.30 -3.77
C HIS A 188 3.01 -10.73 -4.84
N THR A 189 2.22 -9.72 -4.45
CA THR A 189 1.43 -8.95 -5.39
C THR A 189 2.06 -7.62 -5.55
N PHE A 190 2.49 -7.35 -6.78
CA PHE A 190 3.23 -6.17 -7.05
C PHE A 190 2.33 -4.95 -7.14
N PRO A 191 2.89 -3.77 -6.89
CA PRO A 191 2.18 -2.53 -7.08
C PRO A 191 1.80 -2.33 -8.57
N ALA A 192 0.58 -1.87 -8.83
CA ALA A 192 0.12 -1.61 -10.21
C ALA A 192 0.87 -0.48 -10.81
N VAL A 193 1.01 -0.52 -12.13
CA VAL A 193 1.55 0.55 -12.92
C VAL A 193 0.47 1.03 -13.83
N LEU A 194 0.34 2.35 -13.91
CA LEU A 194 -0.61 2.96 -14.82
C LEU A 194 0.04 3.02 -16.22
N GLN A 195 -0.54 2.29 -17.17
CA GLN A 195 -0.01 2.10 -18.54
CA GLN A 195 0.01 2.09 -18.50
C GLN A 195 -0.36 3.28 -19.43
N SER A 196 0.31 3.47 -20.61
CA SER A 196 0.00 4.56 -21.51
CA SER A 196 -0.04 4.64 -21.38
C SER A 196 -1.44 4.60 -21.97
N SER A 197 -2.08 3.43 -21.87
CA SER A 197 -3.45 3.28 -22.32
C SER A 197 -4.42 3.89 -21.35
N GLY A 198 -3.94 4.21 -20.14
CA GLY A 198 -4.79 4.82 -19.14
C GLY A 198 -5.29 3.70 -18.22
N LEU A 199 -4.82 2.50 -18.45
CA LEU A 199 -5.26 1.39 -17.61
C LEU A 199 -4.12 0.85 -16.79
N TYR A 200 -4.48 0.23 -15.66
CA TYR A 200 -3.50 -0.37 -14.73
C TYR A 200 -3.27 -1.81 -15.05
N SER A 201 -2.09 -2.28 -14.71
CA SER A 201 -1.77 -3.71 -14.68
CA SER A 201 -1.83 -3.73 -14.62
C SER A 201 -0.86 -4.05 -13.52
N LEU A 202 -0.93 -5.30 -13.04
CA LEU A 202 0.05 -5.78 -12.07
C LEU A 202 0.12 -7.26 -12.22
N SER A 203 1.17 -7.85 -11.65
CA SER A 203 1.23 -9.32 -11.52
C SER A 203 1.19 -9.66 -10.02
N SER A 204 0.64 -10.82 -9.80
CA SER A 204 0.75 -11.47 -8.51
C SER A 204 1.36 -12.85 -8.66
N VAL A 205 2.37 -13.20 -7.85
CA VAL A 205 3.13 -14.43 -7.98
C VAL A 205 3.18 -15.15 -6.65
N VAL A 206 3.40 -16.45 -6.72
CA VAL A 206 3.54 -17.29 -5.50
C VAL A 206 4.52 -18.35 -5.78
N THR A 207 5.37 -18.61 -4.81
CA THR A 207 6.25 -19.79 -4.86
C THR A 207 5.64 -20.92 -4.04
N VAL A 208 5.69 -22.13 -4.61
CA VAL A 208 5.08 -23.33 -3.98
C VAL A 208 6.01 -24.53 -4.19
N PRO A 209 5.78 -25.64 -3.47
CA PRO A 209 6.65 -26.78 -3.77
C PRO A 209 6.40 -27.32 -5.17
N SER A 210 7.45 -27.57 -5.95
N SER A 210 7.46 -27.58 -5.93
CA SER A 210 7.22 -28.03 -7.32
CA SER A 210 7.27 -28.09 -7.30
C SER A 210 6.54 -29.42 -7.30
C SER A 210 6.49 -29.39 -7.27
N SER A 211 6.72 -30.15 -6.21
CA SER A 211 6.10 -31.47 -6.03
C SER A 211 4.53 -31.40 -5.99
N SER A 212 3.98 -30.22 -5.70
CA SER A 212 2.53 -29.96 -5.70
C SER A 212 1.83 -29.72 -7.03
N LEU A 213 2.60 -29.53 -8.09
CA LEU A 213 1.99 -29.01 -9.31
C LEU A 213 1.05 -29.99 -10.00
N GLY A 214 1.28 -31.29 -9.83
CA GLY A 214 0.44 -32.25 -10.53
C GLY A 214 -0.86 -32.52 -9.77
N THR A 215 -1.00 -32.03 -8.55
CA THR A 215 -2.12 -32.46 -7.68
C THR A 215 -2.90 -31.32 -7.02
N GLN A 216 -2.22 -30.22 -6.69
CA GLN A 216 -2.83 -29.05 -6.07
C GLN A 216 -3.29 -28.04 -7.13
N THR A 217 -4.56 -27.66 -7.06
CA THR A 217 -5.11 -26.59 -7.88
C THR A 217 -4.76 -25.23 -7.31
N TYR A 218 -4.41 -24.30 -8.22
CA TYR A 218 -4.05 -22.92 -7.85
C TYR A 218 -4.91 -21.95 -8.71
N ILE A 219 -5.74 -21.17 -7.99
CA ILE A 219 -6.68 -20.19 -8.58
C ILE A 219 -6.38 -18.83 -8.05
N CYS A 220 -6.31 -17.90 -9.00
N CYS A 220 -6.15 -17.84 -8.95
CA CYS A 220 -6.13 -16.49 -8.73
CA CYS A 220 -6.09 -16.46 -8.44
C CYS A 220 -7.52 -15.81 -8.63
C CYS A 220 -7.48 -15.89 -8.53
N ASN A 221 -7.85 -15.16 -7.50
CA ASN A 221 -9.16 -14.58 -7.29
C ASN A 221 -8.92 -13.06 -7.29
N VAL A 222 -9.60 -12.32 -8.19
CA VAL A 222 -9.47 -10.87 -8.19
C VAL A 222 -10.81 -10.22 -8.05
N ASN A 223 -10.90 -9.23 -7.17
CA ASN A 223 -12.10 -8.46 -6.97
C ASN A 223 -11.80 -7.01 -7.35
N HIS A 224 -12.59 -6.48 -8.29
CA HIS A 224 -12.47 -5.11 -8.72
C HIS A 224 -13.78 -4.37 -8.42
N LYS A 225 -13.87 -3.80 -7.22
CA LYS A 225 -15.11 -3.17 -6.76
CA LYS A 225 -15.11 -3.19 -6.79
C LYS A 225 -15.57 -2.04 -7.70
N PRO A 226 -14.61 -1.20 -8.19
CA PRO A 226 -15.10 -0.05 -9.04
C PRO A 226 -15.89 -0.41 -10.29
N SER A 227 -15.65 -1.59 -10.89
CA SER A 227 -16.42 -2.08 -11.99
C SER A 227 -17.38 -3.23 -11.63
N ASN A 228 -17.52 -3.44 -10.32
CA ASN A 228 -18.41 -4.48 -9.81
C ASN A 228 -18.16 -5.84 -10.50
N THR A 229 -16.88 -6.20 -10.62
CA THR A 229 -16.47 -7.46 -11.25
C THR A 229 -15.62 -8.31 -10.30
N LYS A 230 -15.87 -9.61 -10.31
CA LYS A 230 -14.94 -10.57 -9.72
CA LYS A 230 -14.99 -10.60 -9.70
C LYS A 230 -14.57 -11.60 -10.75
N VAL A 231 -13.29 -11.95 -10.80
CA VAL A 231 -12.77 -12.95 -11.76
C VAL A 231 -11.95 -13.99 -10.98
N ASP A 232 -12.15 -15.26 -11.29
CA ASP A 232 -11.27 -16.32 -10.81
C ASP A 232 -10.60 -17.01 -12.01
N LYS A 233 -9.30 -17.24 -11.94
CA LYS A 233 -8.62 -17.95 -13.02
C LYS A 233 -7.75 -19.06 -12.50
N LYS A 234 -7.95 -20.24 -13.05
N LYS A 234 -7.96 -20.26 -13.02
CA LYS A 234 -7.05 -21.35 -12.74
CA LYS A 234 -7.11 -21.42 -12.63
C LYS A 234 -5.73 -21.16 -13.43
C LYS A 234 -5.83 -21.45 -13.44
N VAL A 235 -4.68 -21.53 -12.76
CA VAL A 235 -3.29 -21.45 -13.32
C VAL A 235 -2.72 -22.84 -13.28
N GLU A 236 -2.53 -23.44 -14.45
CA GLU A 236 -2.06 -24.81 -14.59
C GLU A 236 -0.65 -24.88 -15.15
N PRO A 237 0.05 -25.95 -14.84
CA PRO A 237 1.43 -26.09 -15.28
C PRO A 237 1.46 -26.19 -16.79
N LYS A 238 2.57 -25.72 -17.36
CA LYS A 238 2.78 -25.90 -18.77
C LYS A 238 2.87 -27.37 -19.11
N SER A 239 2.19 -27.76 -20.17
CA SER A 239 2.28 -29.08 -20.72
C SER A 239 2.77 -28.93 -22.16
N CYS A 240 3.79 -29.69 -22.53
CA CYS A 240 4.29 -29.66 -23.91
C CYS A 240 3.42 -30.52 -24.82
N ASP B 1 -1.79 27.48 10.39
CA ASP B 1 -1.83 26.01 10.70
C ASP B 1 -0.43 25.52 11.04
N ILE B 2 -0.38 24.51 11.88
CA ILE B 2 0.89 23.94 12.35
C ILE B 2 1.44 23.00 11.25
N VAL B 3 2.67 23.26 10.80
CA VAL B 3 3.37 22.37 9.83
C VAL B 3 4.23 21.39 10.66
N MET B 4 4.07 20.10 10.36
CA MET B 4 4.79 18.99 11.04
C MET B 4 5.85 18.51 10.06
N THR B 5 7.13 18.55 10.44
CA THR B 5 8.18 18.13 9.54
C THR B 5 9.05 17.02 10.12
N GLN B 6 9.09 15.89 9.43
CA GLN B 6 9.82 14.70 9.96
C GLN B 6 11.20 14.66 9.28
N SER B 7 12.14 14.00 9.97
CA SER B 7 13.52 13.87 9.53
C SER B 7 14.01 12.55 10.14
N PRO B 8 14.72 11.72 9.36
CA PRO B 8 14.94 11.80 7.93
C PRO B 8 13.68 11.31 7.20
N ASP B 9 13.68 11.30 5.87
CA ASP B 9 12.49 10.84 5.13
C ASP B 9 12.49 9.29 5.08
N SER B 10 13.69 8.72 5.19
CA SER B 10 13.88 7.25 5.11
C SER B 10 15.12 6.89 5.88
N LEU B 11 15.11 5.72 6.53
CA LEU B 11 16.32 5.20 7.13
C LEU B 11 16.31 3.72 7.05
N ALA B 12 17.52 3.15 7.09
CA ALA B 12 17.72 1.69 7.15
C ALA B 12 18.53 1.37 8.40
N VAL B 13 18.03 0.46 9.24
CA VAL B 13 18.68 0.19 10.52
C VAL B 13 18.81 -1.34 10.68
N SER B 14 19.86 -1.75 11.37
CA SER B 14 20.17 -3.17 11.61
C SER B 14 19.23 -3.63 12.73
N LEU B 15 18.79 -4.90 12.64
CA LEU B 15 17.99 -5.53 13.69
C LEU B 15 18.72 -5.52 14.99
N GLY B 16 17.95 -5.34 16.06
CA GLY B 16 18.48 -5.25 17.37
C GLY B 16 19.15 -3.97 17.74
N GLU B 17 19.18 -3.03 16.80
CA GLU B 17 19.80 -1.71 17.04
C GLU B 17 18.68 -0.66 17.23
N ARG B 18 19.11 0.58 17.47
N ARG B 18 19.08 0.57 17.51
CA ARG B 18 18.22 1.71 17.72
CA ARG B 18 18.15 1.68 17.83
C ARG B 18 17.82 2.44 16.43
C ARG B 18 17.83 2.53 16.59
N ALA B 19 16.54 2.74 16.30
CA ALA B 19 16.09 3.64 15.21
C ALA B 19 15.52 4.88 15.89
N THR B 20 15.90 6.02 15.34
CA THR B 20 15.48 7.35 15.85
C THR B 20 14.86 8.12 14.69
N ILE B 21 13.62 8.53 14.90
CA ILE B 21 12.88 9.39 13.93
C ILE B 21 12.53 10.71 14.65
N ASN B 22 12.74 11.83 13.95
CA ASN B 22 12.46 13.11 14.50
C ASN B 22 11.23 13.74 13.84
N CYS B 23 10.59 14.59 14.63
CA CYS B 23 9.44 15.39 14.21
C CYS B 23 9.57 16.78 14.83
N LYS B 24 9.49 17.81 13.99
N LYS B 24 9.49 17.79 13.97
CA LYS B 24 9.53 19.18 14.48
CA LYS B 24 9.47 19.17 14.41
C LYS B 24 8.28 19.96 14.06
C LYS B 24 8.12 19.81 14.10
N SER B 25 7.62 20.61 15.02
CA SER B 25 6.41 21.41 14.77
C SER B 25 6.77 22.87 14.56
N SER B 26 6.08 23.53 13.63
CA SER B 26 6.34 24.95 13.32
C SER B 26 6.03 25.89 14.48
N GLN B 27 5.18 25.46 15.39
CA GLN B 27 5.00 26.14 16.68
C GLN B 27 4.73 25.10 17.78
N SER B 28 4.73 25.57 19.02
CA SER B 28 4.63 24.67 20.18
C SER B 28 3.31 23.93 20.14
N VAL B 29 3.30 22.63 20.54
CA VAL B 29 2.08 21.86 20.61
C VAL B 29 1.86 21.42 22.10
N LEU B 30 2.58 22.08 22.99
CA LEU B 30 2.34 21.98 24.46
C LEU B 30 1.03 22.68 24.91
N TYR B 31 0.11 21.86 25.41
CA TYR B 31 -1.18 22.35 25.90
C TYR B 31 -1.06 22.66 27.39
N SER B 32 -1.17 23.94 27.75
CA SER B 32 -0.87 24.39 29.11
C SER B 32 -1.84 23.80 30.16
N SER B 33 -3.09 23.59 29.75
CA SER B 33 -4.12 23.19 30.72
C SER B 33 -3.69 21.96 31.52
N ASN B 34 -3.04 21.00 30.83
CA ASN B 34 -2.58 19.78 31.53
C ASN B 34 -1.08 19.54 31.35
N ASN B 35 -0.39 20.53 30.76
CA ASN B 35 1.03 20.43 30.44
C ASN B 35 1.45 19.15 29.65
N LYS B 36 0.62 18.80 28.68
CA LYS B 36 0.87 17.67 27.78
CA LYS B 36 0.96 17.70 27.80
C LYS B 36 1.15 18.22 26.40
N ASN B 37 2.11 17.59 25.70
CA ASN B 37 2.33 17.82 24.27
C ASN B 37 1.30 17.01 23.50
N TYR B 38 0.49 17.71 22.71
CA TYR B 38 -0.56 17.10 21.93
C TYR B 38 0.07 16.61 20.62
N LEU B 39 0.85 15.55 20.75
CA LEU B 39 1.70 15.00 19.69
C LEU B 39 1.56 13.47 19.77
N THR B 40 1.23 12.87 18.64
CA THR B 40 0.98 11.46 18.51
CA THR B 40 1.04 11.43 18.56
C THR B 40 1.87 10.84 17.45
N TRP B 41 2.24 9.56 17.62
CA TRP B 41 2.94 8.76 16.60
C TRP B 41 2.10 7.59 16.15
N TYR B 42 2.12 7.34 14.86
CA TYR B 42 1.42 6.24 14.19
C TYR B 42 2.41 5.44 13.35
N GLN B 43 2.11 4.17 13.20
CA GLN B 43 2.82 3.22 12.36
C GLN B 43 1.91 2.78 11.25
N GLN B 44 2.35 2.82 9.98
CA GLN B 44 1.57 2.29 8.90
C GLN B 44 2.33 1.32 8.03
N LYS B 45 1.78 0.08 7.94
CA LYS B 45 2.29 -0.92 6.97
C LYS B 45 1.53 -0.89 5.65
N PRO B 46 2.11 -1.44 4.55
CA PRO B 46 1.45 -1.29 3.26
C PRO B 46 0.07 -1.92 3.17
N GLY B 47 -0.87 -1.17 2.59
CA GLY B 47 -2.26 -1.66 2.41
C GLY B 47 -3.08 -1.59 3.69
N GLN B 48 -2.43 -1.28 4.81
CA GLN B 48 -3.04 -1.33 6.15
C GLN B 48 -3.32 0.09 6.65
N PRO B 49 -4.32 0.24 7.52
CA PRO B 49 -4.48 1.53 8.12
C PRO B 49 -3.37 1.82 9.12
N PRO B 50 -3.18 3.07 9.46
CA PRO B 50 -2.30 3.44 10.56
C PRO B 50 -2.72 2.82 11.90
N LYS B 51 -1.72 2.59 12.75
CA LYS B 51 -1.93 2.11 14.11
C LYS B 51 -1.26 3.09 15.11
N LEU B 52 -2.02 3.41 16.16
CA LEU B 52 -1.52 4.27 17.22
C LEU B 52 -0.38 3.61 18.00
N LEU B 53 0.71 4.33 18.21
CA LEU B 53 1.87 3.90 19.05
C LEU B 53 2.00 4.67 20.38
N ILE B 54 2.01 6.00 20.27
CA ILE B 54 2.32 6.91 21.34
C ILE B 54 1.39 8.11 21.24
N TYR B 55 0.92 8.59 22.39
CA TYR B 55 0.21 9.85 22.47
C TYR B 55 0.78 10.69 23.63
N TRP B 56 0.33 11.93 23.72
N TRP B 56 0.35 11.94 23.70
CA TRP B 56 0.93 12.90 24.65
CA TRP B 56 0.92 12.88 24.64
C TRP B 56 2.45 12.88 24.57
C TRP B 56 2.46 12.87 24.57
N ALA B 57 2.99 12.72 23.35
CA ALA B 57 4.46 12.66 23.06
C ALA B 57 5.21 11.40 23.57
N SER B 58 4.83 10.87 24.71
CA SER B 58 5.62 9.84 25.37
C SER B 58 4.82 8.76 26.08
N THR B 59 3.49 8.77 25.99
CA THR B 59 2.71 7.70 26.58
C THR B 59 2.41 6.60 25.55
N ARG B 60 2.87 5.39 25.80
CA ARG B 60 2.60 4.26 24.94
C ARG B 60 1.16 3.80 25.08
N GLU B 61 0.57 3.50 23.95
CA GLU B 61 -0.75 2.92 23.86
C GLU B 61 -0.65 1.48 24.37
N SER B 62 -1.66 1.04 25.11
CA SER B 62 -1.75 -0.33 25.50
C SER B 62 -1.59 -1.36 24.35
N GLY B 63 -0.78 -2.39 24.58
CA GLY B 63 -0.47 -3.40 23.55
C GLY B 63 0.80 -3.13 22.75
N VAL B 64 1.28 -1.90 22.76
CA VAL B 64 2.48 -1.51 22.00
C VAL B 64 3.73 -1.95 22.76
N PRO B 65 4.62 -2.65 22.08
CA PRO B 65 5.84 -3.12 22.73
C PRO B 65 6.70 -2.00 23.37
N ASP B 66 7.38 -2.31 24.48
CA ASP B 66 8.09 -1.29 25.26
C ASP B 66 9.38 -0.85 24.60
N ARG B 67 9.77 -1.49 23.49
CA ARG B 67 10.88 -1.01 22.68
C ARG B 67 10.53 0.31 21.96
N PHE B 68 9.25 0.66 21.89
CA PHE B 68 8.81 1.97 21.35
C PHE B 68 8.74 3.02 22.44
N SER B 69 9.41 4.14 22.21
CA SER B 69 9.45 5.23 23.17
CA SER B 69 9.42 5.23 23.17
C SER B 69 9.40 6.59 22.48
N GLY B 70 8.64 7.51 23.05
CA GLY B 70 8.58 8.85 22.57
C GLY B 70 9.15 9.83 23.57
N SER B 71 9.79 10.88 23.08
CA SER B 71 10.31 11.92 23.92
C SER B 71 10.24 13.27 23.15
N GLY B 72 10.55 14.34 23.89
CA GLY B 72 10.48 15.69 23.36
C GLY B 72 9.46 16.54 24.03
N SER B 73 9.55 17.82 23.75
CA SER B 73 8.60 18.75 24.26
C SER B 73 8.55 19.95 23.37
N GLY B 74 7.41 20.63 23.37
CA GLY B 74 7.27 21.92 22.67
C GLY B 74 7.24 21.76 21.16
N THR B 75 8.41 21.87 20.52
CA THR B 75 8.48 21.74 19.08
C THR B 75 9.35 20.61 18.56
N ASP B 76 10.08 19.90 19.41
CA ASP B 76 11.04 18.93 18.91
C ASP B 76 10.72 17.61 19.61
N PHE B 77 10.41 16.62 18.78
CA PHE B 77 10.01 15.29 19.24
C PHE B 77 10.76 14.18 18.54
N THR B 78 10.88 13.07 19.26
CA THR B 78 11.57 11.91 18.76
C THR B 78 10.83 10.63 19.08
N LEU B 79 10.76 9.77 18.10
CA LEU B 79 10.32 8.39 18.28
C LEU B 79 11.58 7.52 18.20
N THR B 80 11.79 6.72 19.24
CA THR B 80 12.91 5.82 19.34
C THR B 80 12.37 4.39 19.40
N ILE B 81 12.89 3.57 18.50
CA ILE B 81 12.62 2.16 18.54
C ILE B 81 13.91 1.48 18.91
N SER B 82 13.94 0.92 20.09
CA SER B 82 15.13 0.17 20.53
CA SER B 82 15.10 0.17 20.59
C SER B 82 14.97 -1.30 20.15
N SER B 83 16.06 -2.02 20.16
CA SER B 83 16.07 -3.41 19.80
C SER B 83 15.13 -3.72 18.60
N LEU B 84 15.38 -3.03 17.49
CA LEU B 84 14.52 -3.15 16.35
C LEU B 84 14.28 -4.57 15.86
N GLN B 85 13.01 -4.85 15.53
CA GLN B 85 12.55 -6.21 15.09
C GLN B 85 12.10 -6.10 13.63
N ALA B 86 12.05 -7.23 12.94
CA ALA B 86 11.62 -7.27 11.54
C ALA B 86 10.21 -6.72 11.31
N GLU B 87 9.33 -6.94 12.27
CA GLU B 87 7.97 -6.51 12.13
C GLU B 87 7.82 -4.97 12.23
N ASP B 88 8.91 -4.27 12.53
CA ASP B 88 8.91 -2.80 12.61
C ASP B 88 9.11 -2.06 11.28
N VAL B 89 9.31 -2.81 10.21
CA VAL B 89 9.31 -2.22 8.89
C VAL B 89 7.94 -1.57 8.64
N ALA B 90 7.96 -0.27 8.35
CA ALA B 90 6.72 0.52 8.18
C ALA B 90 7.07 1.97 7.85
N VAL B 91 6.06 2.80 7.70
CA VAL B 91 6.22 4.24 7.62
C VAL B 91 5.64 4.76 8.96
N TYR B 92 6.32 5.71 9.56
CA TYR B 92 5.96 6.27 10.88
C TYR B 92 5.56 7.73 10.65
N TYR B 93 4.50 8.18 11.30
CA TYR B 93 3.99 9.55 11.11
C TYR B 93 3.76 10.14 12.49
N CYS B 94 4.09 11.42 12.64
CA CYS B 94 3.67 12.26 13.75
C CYS B 94 2.42 13.04 13.39
N GLN B 95 1.70 13.50 14.42
CA GLN B 95 0.47 14.24 14.22
CA GLN B 95 0.41 14.21 14.25
C GLN B 95 0.28 15.15 15.42
N GLN B 96 -0.17 16.39 15.19
CA GLN B 96 -0.52 17.28 16.30
C GLN B 96 -2.01 17.50 16.36
N TYR B 97 -2.49 17.75 17.59
CA TYR B 97 -3.89 18.08 17.82
C TYR B 97 -4.08 19.26 18.79
N ASP B 98 -3.04 20.06 18.96
CA ASP B 98 -3.13 21.28 19.75
C ASP B 98 -3.99 22.33 19.11
N ASN B 99 -3.84 22.47 17.79
CA ASN B 99 -4.38 23.57 17.00
C ASN B 99 -5.25 22.96 15.91
N TYR B 100 -6.48 23.48 15.65
N TYR B 100 -6.40 23.56 15.69
CA TYR B 100 -7.20 23.10 14.39
CA TYR B 100 -7.21 23.33 14.54
C TYR B 100 -6.71 23.92 13.24
C TYR B 100 -6.58 23.98 13.28
N PRO B 101 -6.44 23.30 12.09
CA PRO B 101 -6.73 21.88 11.75
C PRO B 101 -5.66 20.96 12.34
N ILE B 102 -6.10 19.77 12.78
CA ILE B 102 -5.17 18.69 13.06
C ILE B 102 -4.32 18.48 11.83
N THR B 103 -3.03 18.30 12.10
CA THR B 103 -2.03 18.14 11.04
C THR B 103 -1.02 17.02 11.32
N PHE B 104 -0.52 16.42 10.21
CA PHE B 104 0.41 15.30 10.21
C PHE B 104 1.75 15.64 9.52
N GLY B 105 2.82 14.98 9.99
CA GLY B 105 4.07 15.00 9.24
C GLY B 105 3.99 14.12 8.03
N GLN B 106 5.00 14.26 7.15
CA GLN B 106 4.95 13.59 5.87
C GLN B 106 5.35 12.12 5.85
N GLY B 107 5.68 11.54 7.01
CA GLY B 107 6.12 10.15 7.10
C GLY B 107 7.63 10.01 7.03
N THR B 108 8.11 8.97 7.70
CA THR B 108 9.48 8.50 7.59
C THR B 108 9.40 7.00 7.37
N ARG B 109 9.99 6.53 6.27
CA ARG B 109 10.00 5.11 5.99
CA ARG B 109 10.01 5.11 5.96
C ARG B 109 11.17 4.44 6.72
N LEU B 110 10.92 3.35 7.39
CA LEU B 110 11.97 2.61 8.04
CA LEU B 110 11.98 2.60 8.06
C LEU B 110 12.12 1.26 7.36
N GLU B 111 13.35 0.95 6.97
CA GLU B 111 13.70 -0.30 6.34
C GLU B 111 14.79 -0.94 7.19
N ILE B 112 14.99 -2.25 6.99
CA ILE B 112 15.98 -2.93 7.80
CA ILE B 112 15.94 -3.01 7.79
C ILE B 112 17.11 -3.44 6.93
N LYS B 113 18.29 -3.46 7.52
CA LYS B 113 19.46 -4.01 6.90
C LYS B 113 19.52 -5.49 7.02
N ARG B 114 20.18 -6.13 6.12
CA ARG B 114 20.47 -7.53 6.24
CA ARG B 114 20.44 -7.55 6.20
C ARG B 114 21.58 -7.95 5.30
N THR B 115 21.97 -9.21 5.41
CA THR B 115 23.04 -9.76 4.59
C THR B 115 22.57 -9.82 3.13
N VAL B 116 23.50 -9.85 2.18
CA VAL B 116 23.17 -9.97 0.78
C VAL B 116 22.44 -11.28 0.46
N ALA B 117 21.40 -11.19 -0.32
CA ALA B 117 20.64 -12.33 -0.80
C ALA B 117 20.42 -12.18 -2.30
N ALA B 118 20.97 -13.14 -3.05
CA ALA B 118 20.80 -13.13 -4.48
C ALA B 118 19.33 -13.39 -4.90
N PRO B 119 18.89 -12.84 -5.99
CA PRO B 119 17.55 -13.15 -6.44
C PRO B 119 17.46 -14.53 -7.04
N SER B 120 16.31 -15.15 -6.92
CA SER B 120 15.95 -16.30 -7.78
C SER B 120 15.24 -15.71 -8.97
N VAL B 121 15.66 -16.10 -10.18
CA VAL B 121 15.17 -15.49 -11.38
C VAL B 121 14.34 -16.46 -12.20
N PHE B 122 13.15 -16.02 -12.58
CA PHE B 122 12.20 -16.85 -13.30
C PHE B 122 11.63 -16.09 -14.48
N ILE B 123 11.27 -16.82 -15.52
CA ILE B 123 10.68 -16.16 -16.67
C ILE B 123 9.40 -16.86 -17.13
N PHE B 124 8.45 -16.07 -17.61
CA PHE B 124 7.14 -16.48 -18.08
C PHE B 124 6.86 -15.91 -19.46
N PRO B 125 6.73 -16.81 -20.44
CA PRO B 125 6.28 -16.35 -21.78
C PRO B 125 4.85 -15.83 -21.73
N PRO B 126 4.44 -15.03 -22.69
CA PRO B 126 3.02 -14.70 -22.69
C PRO B 126 2.12 -15.86 -22.92
N SER B 127 0.91 -15.81 -22.36
CA SER B 127 -0.09 -16.77 -22.61
C SER B 127 -0.64 -16.71 -24.00
N ASP B 128 -0.96 -17.87 -24.55
CA ASP B 128 -1.66 -17.93 -25.81
C ASP B 128 -2.96 -17.12 -25.85
N GLU B 129 -3.64 -17.04 -24.72
CA GLU B 129 -4.89 -16.26 -24.62
C GLU B 129 -4.56 -14.78 -24.91
N GLN B 130 -3.52 -14.27 -24.24
CA GLN B 130 -3.17 -12.85 -24.43
C GLN B 130 -2.73 -12.60 -25.83
N LEU B 131 -1.96 -13.52 -26.40
CA LEU B 131 -1.45 -13.27 -27.76
C LEU B 131 -2.60 -13.19 -28.70
N LYS B 132 -3.65 -13.98 -28.52
CA LYS B 132 -4.80 -14.01 -29.44
C LYS B 132 -5.36 -12.59 -29.51
N SER B 133 -5.23 -11.83 -28.43
CA SER B 133 -5.77 -10.48 -28.32
C SER B 133 -4.89 -9.42 -28.97
N GLY B 134 -3.66 -9.75 -29.38
CA GLY B 134 -2.82 -8.78 -30.08
C GLY B 134 -1.60 -8.20 -29.36
N THR B 135 -1.35 -8.67 -28.17
CA THR B 135 -0.27 -8.15 -27.29
C THR B 135 0.40 -9.31 -26.59
N ALA B 136 1.69 -9.15 -26.30
CA ALA B 136 2.47 -10.12 -25.59
C ALA B 136 3.14 -9.43 -24.45
N SER B 137 2.85 -9.94 -23.25
CA SER B 137 3.53 -9.55 -22.03
C SER B 137 4.42 -10.66 -21.59
N VAL B 138 5.72 -10.41 -21.52
CA VAL B 138 6.71 -11.36 -21.07
C VAL B 138 7.20 -10.91 -19.74
N VAL B 139 7.16 -11.81 -18.72
CA VAL B 139 7.43 -11.42 -17.33
C VAL B 139 8.70 -12.08 -16.81
N CYS B 140 9.65 -11.29 -16.31
N CYS B 140 9.61 -11.27 -16.30
CA CYS B 140 10.89 -11.75 -15.65
CA CYS B 140 10.80 -11.73 -15.63
C CYS B 140 10.72 -11.40 -14.15
C CYS B 140 10.58 -11.42 -14.13
N LEU B 141 10.76 -12.42 -13.27
CA LEU B 141 10.55 -12.30 -11.81
C LEU B 141 11.94 -12.45 -11.16
N LEU B 142 12.27 -11.48 -10.28
CA LEU B 142 13.47 -11.50 -9.40
C LEU B 142 12.90 -11.61 -7.99
N ASN B 143 13.05 -12.78 -7.48
CA ASN B 143 12.39 -13.08 -6.19
C ASN B 143 13.36 -13.02 -5.01
N ASN B 144 12.93 -12.32 -3.95
CA ASN B 144 13.54 -12.38 -2.59
C ASN B 144 15.07 -12.03 -2.57
N PHE B 145 15.40 -10.81 -2.94
CA PHE B 145 16.76 -10.36 -2.95
C PHE B 145 17.00 -9.19 -2.01
N TYR B 146 18.27 -8.96 -1.74
CA TYR B 146 18.72 -7.82 -0.99
C TYR B 146 20.20 -7.59 -1.24
N PRO B 147 20.62 -6.31 -1.48
CA PRO B 147 19.83 -5.04 -1.40
C PRO B 147 18.99 -4.84 -2.67
N ARG B 148 18.27 -3.73 -2.65
CA ARG B 148 17.20 -3.45 -3.61
CA ARG B 148 17.20 -3.47 -3.60
C ARG B 148 17.79 -3.15 -4.96
N GLU B 149 19.06 -2.80 -5.01
CA GLU B 149 19.66 -2.44 -6.33
C GLU B 149 19.91 -3.69 -7.15
N ALA B 150 19.55 -3.68 -8.47
CA ALA B 150 19.73 -4.83 -9.37
C ALA B 150 19.71 -4.21 -10.81
N LYS B 151 20.33 -4.89 -11.72
CA LYS B 151 20.25 -4.47 -13.10
C LYS B 151 19.40 -5.54 -13.80
N VAL B 152 18.40 -5.15 -14.57
CA VAL B 152 17.57 -6.09 -15.31
C VAL B 152 17.47 -5.62 -16.77
N GLN B 153 17.93 -6.47 -17.70
CA GLN B 153 17.98 -6.16 -19.12
C GLN B 153 17.29 -7.28 -19.90
N TRP B 154 16.41 -6.89 -20.83
CA TRP B 154 15.80 -7.79 -21.79
C TRP B 154 16.59 -7.82 -23.07
N LYS B 155 16.73 -9.03 -23.57
CA LYS B 155 17.26 -9.26 -24.94
C LYS B 155 16.25 -10.08 -25.73
N VAL B 156 15.91 -9.61 -26.92
CA VAL B 156 15.05 -10.28 -27.87
C VAL B 156 15.85 -10.62 -29.09
N ASP B 157 16.02 -11.91 -29.45
CA ASP B 157 17.05 -12.28 -30.49
C ASP B 157 18.42 -11.56 -30.27
N ASN B 158 18.84 -11.54 -29.02
CA ASN B 158 20.09 -10.96 -28.56
C ASN B 158 20.17 -9.45 -28.64
N ALA B 159 19.06 -8.79 -28.96
CA ALA B 159 19.09 -7.32 -29.01
C ALA B 159 18.55 -6.72 -27.74
N LEU B 160 19.38 -5.89 -27.12
CA LEU B 160 18.98 -5.20 -25.89
C LEU B 160 17.76 -4.36 -26.18
N GLN B 161 16.77 -4.44 -25.30
CA GLN B 161 15.50 -3.75 -25.47
C GLN B 161 15.58 -2.43 -24.73
N SER B 162 14.91 -1.40 -25.30
CA SER B 162 14.78 -0.12 -24.64
CA SER B 162 14.76 -0.12 -24.63
C SER B 162 13.36 0.45 -24.83
N GLY B 163 12.79 0.95 -23.71
CA GLY B 163 11.55 1.67 -23.76
C GLY B 163 10.28 0.83 -23.76
N ASN B 164 10.44 -0.47 -23.65
CA ASN B 164 9.26 -1.36 -23.74
C ASN B 164 9.17 -2.30 -22.60
N SER B 165 9.85 -1.98 -21.52
CA SER B 165 9.62 -2.76 -20.28
C SER B 165 9.36 -1.88 -19.12
N GLN B 166 8.74 -2.49 -18.12
CA GLN B 166 8.21 -1.81 -16.95
CA GLN B 166 8.25 -1.79 -16.95
C GLN B 166 8.60 -2.62 -15.73
N GLU B 167 9.19 -2.02 -14.70
CA GLU B 167 9.65 -2.71 -13.48
C GLU B 167 8.85 -2.26 -12.28
N SER B 168 8.34 -3.21 -11.49
CA SER B 168 7.64 -2.94 -10.24
CA SER B 168 7.66 -2.93 -10.25
C SER B 168 8.34 -3.69 -9.11
N VAL B 169 8.55 -3.02 -7.99
CA VAL B 169 9.24 -3.64 -6.84
CA VAL B 169 9.25 -3.65 -6.82
C VAL B 169 8.34 -3.62 -5.61
N THR B 170 8.35 -4.69 -4.81
CA THR B 170 7.59 -4.75 -3.59
C THR B 170 8.28 -3.92 -2.52
N GLU B 171 7.54 -3.58 -1.49
CA GLU B 171 8.11 -3.02 -0.28
CA GLU B 171 8.21 -3.02 -0.33
C GLU B 171 8.84 -4.18 0.45
N GLN B 172 9.70 -3.85 1.38
CA GLN B 172 10.53 -4.84 1.96
C GLN B 172 9.66 -5.79 2.75
N ASP B 173 9.92 -7.08 2.65
CA ASP B 173 9.12 -8.12 3.32
C ASP B 173 9.59 -8.34 4.79
N SER B 174 8.68 -8.23 5.72
CA SER B 174 8.91 -8.52 7.12
CA SER B 174 9.03 -8.49 7.09
C SER B 174 9.47 -9.94 7.38
N LYS B 175 9.10 -10.90 6.54
CA LYS B 175 9.47 -12.29 6.89
CA LYS B 175 9.46 -12.32 6.73
C LYS B 175 10.96 -12.57 6.65
N ASP B 176 11.58 -11.92 5.66
CA ASP B 176 12.98 -12.18 5.39
C ASP B 176 13.76 -10.93 4.97
N SER B 177 13.13 -9.78 5.09
CA SER B 177 13.80 -8.50 4.81
C SER B 177 14.26 -8.29 3.36
N THR B 178 13.57 -8.97 2.45
CA THR B 178 13.93 -8.92 1.01
C THR B 178 12.92 -8.15 0.18
N TYR B 179 13.31 -7.93 -1.07
CA TYR B 179 12.51 -7.32 -2.06
C TYR B 179 12.29 -8.32 -3.19
N SER B 180 11.22 -8.09 -3.98
CA SER B 180 11.03 -8.82 -5.20
C SER B 180 10.69 -7.82 -6.26
N LEU B 181 10.97 -8.15 -7.50
CA LEU B 181 10.79 -7.28 -8.64
C LEU B 181 10.20 -8.02 -9.83
N SER B 182 9.25 -7.39 -10.52
CA SER B 182 8.72 -7.92 -11.78
C SER B 182 9.19 -6.94 -12.89
N SER B 183 9.73 -7.51 -13.97
CA SER B 183 10.05 -6.72 -15.19
C SER B 183 9.15 -7.30 -16.28
N THR B 184 8.28 -6.50 -16.85
CA THR B 184 7.35 -6.91 -17.89
C THR B 184 7.71 -6.23 -19.20
N LEU B 185 8.02 -7.06 -20.14
CA LEU B 185 8.30 -6.59 -21.53
C LEU B 185 7.03 -6.72 -22.31
N THR B 186 6.63 -5.62 -22.93
CA THR B 186 5.41 -5.57 -23.73
C THR B 186 5.77 -5.37 -25.24
N LEU B 187 5.23 -6.27 -26.04
CA LEU B 187 5.37 -6.31 -27.51
C LEU B 187 4.01 -6.54 -28.14
N SER B 188 3.85 -6.03 -29.38
CA SER B 188 2.69 -6.42 -30.14
C SER B 188 2.85 -7.89 -30.47
N LYS B 189 1.75 -8.52 -30.80
CA LYS B 189 1.79 -9.93 -31.25
C LYS B 189 2.69 -10.03 -32.49
N ALA B 190 2.59 -9.10 -33.40
CA ALA B 190 3.36 -9.22 -34.62
C ALA B 190 4.84 -9.15 -34.31
N ASP B 191 5.28 -8.25 -33.44
CA ASP B 191 6.71 -8.18 -33.08
C ASP B 191 7.16 -9.42 -32.30
N TYR B 192 6.31 -9.89 -31.37
CA TYR B 192 6.61 -11.13 -30.58
C TYR B 192 6.89 -12.33 -31.51
N GLU B 193 6.11 -12.44 -32.60
CA GLU B 193 6.21 -13.57 -33.52
C GLU B 193 7.32 -13.36 -34.56
N LYS B 194 7.97 -12.21 -34.56
CA LYS B 194 9.13 -11.99 -35.50
C LYS B 194 10.43 -12.54 -34.89
N HIS B 195 10.43 -12.89 -33.62
CA HIS B 195 11.68 -13.26 -32.96
C HIS B 195 11.44 -14.54 -32.19
N LYS B 196 12.52 -15.22 -31.84
CA LYS B 196 12.42 -16.52 -31.15
C LYS B 196 12.98 -16.57 -29.74
N VAL B 197 14.10 -15.89 -29.50
CA VAL B 197 14.80 -16.03 -28.26
C VAL B 197 14.51 -14.82 -27.39
N TYR B 198 13.96 -15.08 -26.21
CA TYR B 198 13.57 -14.06 -25.23
C TYR B 198 14.38 -14.25 -23.96
N ALA B 199 15.15 -13.22 -23.53
CA ALA B 199 16.03 -13.39 -22.40
C ALA B 199 16.00 -12.23 -21.49
N CYS B 200 16.00 -12.54 -20.17
CA CYS B 200 16.24 -11.47 -19.19
CA CYS B 200 16.12 -11.57 -19.11
C CYS B 200 17.50 -11.75 -18.38
N GLU B 201 18.34 -10.72 -18.33
CA GLU B 201 19.70 -10.80 -17.75
C GLU B 201 19.69 -9.96 -16.47
N VAL B 202 20.06 -10.58 -15.36
CA VAL B 202 20.00 -9.95 -14.03
C VAL B 202 21.40 -9.89 -13.42
N THR B 203 21.78 -8.71 -12.96
CA THR B 203 23.03 -8.47 -12.25
C THR B 203 22.74 -7.97 -10.85
N HIS B 204 23.41 -8.55 -9.87
CA HIS B 204 23.11 -8.26 -8.47
C HIS B 204 24.34 -8.56 -7.67
N GLN B 205 24.52 -7.84 -6.57
CA GLN B 205 25.67 -8.07 -5.66
C GLN B 205 25.80 -9.53 -5.19
N GLY B 206 24.68 -10.22 -5.03
CA GLY B 206 24.70 -11.60 -4.65
C GLY B 206 25.01 -12.63 -5.68
N LEU B 207 25.16 -12.17 -6.94
CA LEU B 207 25.48 -13.08 -8.05
C LEU B 207 26.91 -12.86 -8.46
N SER B 208 27.69 -13.93 -8.49
CA SER B 208 29.09 -13.82 -8.81
C SER B 208 29.28 -13.43 -10.28
N SER B 209 28.28 -13.64 -11.14
CA SER B 209 28.22 -13.00 -12.45
C SER B 209 26.76 -12.97 -12.88
N PRO B 210 26.41 -12.13 -13.84
CA PRO B 210 25.00 -11.97 -14.17
C PRO B 210 24.32 -13.28 -14.62
N VAL B 211 23.07 -13.44 -14.24
CA VAL B 211 22.28 -14.63 -14.52
CA VAL B 211 22.34 -14.64 -14.58
C VAL B 211 21.34 -14.34 -15.69
N THR B 212 21.29 -15.23 -16.69
CA THR B 212 20.30 -15.11 -17.79
C THR B 212 19.25 -16.20 -17.69
N LYS B 213 17.97 -15.83 -17.77
CA LYS B 213 16.89 -16.79 -17.94
C LYS B 213 16.29 -16.51 -19.30
N SER B 214 16.09 -17.58 -20.06
CA SER B 214 15.57 -17.39 -21.40
CA SER B 214 15.70 -17.44 -21.46
C SER B 214 14.70 -18.52 -21.83
N PHE B 215 13.91 -18.26 -22.86
CA PHE B 215 13.17 -19.27 -23.56
C PHE B 215 13.16 -19.07 -25.05
N ASN B 216 12.88 -20.13 -25.78
CA ASN B 216 12.68 -20.06 -27.21
C ASN B 216 11.21 -20.17 -27.49
N ARG B 217 10.67 -19.15 -28.12
CA ARG B 217 9.25 -19.13 -28.49
C ARG B 217 8.82 -20.41 -29.21
N GLY B 218 7.78 -21.02 -28.69
CA GLY B 218 7.22 -22.22 -29.33
C GLY B 218 7.77 -23.54 -28.77
N GLU B 219 8.87 -23.50 -28.01
CA GLU B 219 9.53 -24.72 -27.63
C GLU B 219 9.04 -25.15 -26.26
N CYS B 220 9.12 -26.47 -26.02
CA CYS B 220 8.75 -27.06 -24.73
C CYS B 220 9.27 -26.23 -23.54
#